data_4GP6
#
_entry.id   4GP6
#
_cell.length_a   43.690
_cell.length_b   71.560
_cell.length_c   118.610
_cell.angle_alpha   90.00
_cell.angle_beta   90.00
_cell.angle_gamma   90.00
#
_symmetry.space_group_name_H-M   'P 21 21 21'
#
loop_
_entity.id
_entity.type
_entity.pdbx_description
1 polymer Metallophosphoesterase
2 non-polymer "ADENOSINE-5'-DIPHOSPHATE"
3 non-polymer 'MAGNESIUM ION'
4 water water
#
_entity_poly.entity_id   1
_entity_poly.type   'polypeptide(L)'
_entity_poly.pdbx_seq_one_letter_code
;SMKLTIPELSLVVLIGSSGSGKSTFAKKHFKPTEVISSDFCRGLVSDDENDQTVTGAAFDVLHYIVSKRLQLGKLTVVDA
TNVQESARKPLIEIAKDYHCFPVAVVFNLPEKVCQERNKNRTDRQVEEYVIRKHTQQLKKSIKGLQREGFRYVYILNSPE
EVEEVVFERQP
;
_entity_poly.pdbx_strand_id   A,B
#
loop_
_chem_comp.id
_chem_comp.type
_chem_comp.name
_chem_comp.formula
ADP non-polymer ADENOSINE-5'-DIPHOSPHATE 'C10 H15 N5 O10 P2'
MG non-polymer 'MAGNESIUM ION' 'Mg 2'
#
# COMPACT_ATOMS: atom_id res chain seq x y z
N SER A 1 14.32 -0.13 -9.93
CA SER A 1 13.16 0.72 -10.11
C SER A 1 12.11 0.45 -9.03
N MET A 2 11.00 1.17 -9.11
CA MET A 2 9.90 0.98 -8.18
C MET A 2 8.71 0.43 -8.94
N LYS A 3 8.45 -0.86 -8.76
CA LYS A 3 7.43 -1.54 -9.54
C LYS A 3 6.07 -1.37 -8.90
N LEU A 4 5.11 -0.92 -9.69
CA LEU A 4 3.73 -0.81 -9.22
C LEU A 4 2.91 -1.79 -10.03
N THR A 5 2.27 -2.72 -9.36
CA THR A 5 1.59 -3.80 -10.05
C THR A 5 0.10 -3.53 -10.08
N ILE A 6 -0.49 -3.57 -11.28
CA ILE A 6 -1.92 -3.34 -11.43
C ILE A 6 -2.54 -4.36 -12.37
N PRO A 7 -3.80 -4.74 -12.12
CA PRO A 7 -4.45 -5.69 -13.01
C PRO A 7 -4.85 -5.00 -14.32
N GLU A 8 -5.16 -5.79 -15.35
CA GLU A 8 -5.54 -5.24 -16.64
C GLU A 8 -6.84 -4.45 -16.52
N LEU A 9 -7.61 -4.78 -15.49
CA LEU A 9 -8.90 -4.16 -15.24
C LEU A 9 -8.82 -3.22 -14.03
N SER A 10 -8.17 -2.08 -14.22
CA SER A 10 -7.89 -1.17 -13.11
C SER A 10 -8.47 0.23 -13.35
N LEU A 11 -8.84 0.88 -12.27
CA LEU A 11 -9.06 2.33 -12.29
C LEU A 11 -7.96 2.96 -11.48
N VAL A 12 -6.99 3.54 -12.17
CA VAL A 12 -5.84 4.14 -11.51
C VAL A 12 -6.15 5.59 -11.17
N VAL A 13 -6.25 5.89 -9.87
CA VAL A 13 -6.58 7.24 -9.44
C VAL A 13 -5.32 7.94 -9.00
N LEU A 14 -4.93 8.96 -9.76
CA LEU A 14 -3.80 9.78 -9.36
C LEU A 14 -4.23 10.73 -8.27
N ILE A 15 -3.40 10.87 -7.24
CA ILE A 15 -3.73 11.72 -6.11
C ILE A 15 -2.51 12.58 -5.85
N GLY A 16 -2.65 13.87 -6.09
CA GLY A 16 -1.53 14.79 -5.99
C GLY A 16 -1.93 16.24 -6.09
N SER A 17 -1.21 17.09 -5.36
CA SER A 17 -1.41 18.53 -5.42
C SER A 17 -1.25 19.07 -6.84
N SER A 18 -1.89 20.19 -7.13
CA SER A 18 -1.59 20.90 -8.36
C SER A 18 -0.08 21.02 -8.42
N GLY A 19 0.51 20.73 -9.58
CA GLY A 19 1.95 20.87 -9.76
C GLY A 19 2.81 19.70 -9.34
N SER A 20 2.18 18.59 -8.92
CA SER A 20 2.92 17.42 -8.44
C SER A 20 3.43 16.51 -9.57
N GLY A 21 2.93 16.73 -10.79
CA GLY A 21 3.42 15.98 -11.93
C GLY A 21 2.48 14.88 -12.37
N LYS A 22 1.22 14.97 -11.95
CA LYS A 22 0.21 14.01 -12.36
C LYS A 22 0.12 13.84 -13.88
N SER A 23 -0.16 14.92 -14.60
CA SER A 23 -0.40 14.83 -16.04
C SER A 23 0.87 14.32 -16.75
N THR A 24 2.04 14.79 -16.32
CA THR A 24 3.30 14.36 -16.90
C THR A 24 3.50 12.86 -16.74
N PHE A 25 3.24 12.38 -15.53
CA PHE A 25 3.33 10.98 -15.17
C PHE A 25 2.37 10.13 -15.99
N ALA A 26 1.13 10.59 -16.10
CA ALA A 26 0.09 9.89 -16.87
C ALA A 26 0.46 9.71 -18.33
N LYS A 27 1.03 10.74 -18.93
CA LYS A 27 1.42 10.67 -20.34
C LYS A 27 2.57 9.68 -20.51
N LYS A 28 3.48 9.69 -19.56
CA LYS A 28 4.65 8.83 -19.63
C LYS A 28 4.28 7.35 -19.55
N HIS A 29 3.35 6.99 -18.68
CA HIS A 29 3.10 5.57 -18.36
C HIS A 29 1.93 4.93 -19.07
N PHE A 30 0.97 5.73 -19.53
CA PHE A 30 -0.27 5.19 -20.08
C PHE A 30 -0.57 5.64 -21.51
N LYS A 31 -1.41 4.88 -22.20
CA LYS A 31 -1.87 5.31 -23.53
C LYS A 31 -2.70 6.58 -23.40
N PRO A 32 -2.66 7.43 -24.44
CA PRO A 32 -3.39 8.71 -24.40
C PRO A 32 -4.86 8.49 -24.11
N THR A 33 -5.45 7.44 -24.66
CA THR A 33 -6.89 7.22 -24.45
C THR A 33 -7.20 6.67 -23.04
N GLU A 34 -6.19 6.11 -22.39
CA GLU A 34 -6.39 5.56 -21.06
C GLU A 34 -6.53 6.68 -20.03
N VAL A 35 -6.04 7.86 -20.36
CA VAL A 35 -5.99 8.95 -19.39
C VAL A 35 -7.16 9.91 -19.56
N ILE A 36 -7.99 10.04 -18.53
CA ILE A 36 -9.05 11.03 -18.59
C ILE A 36 -8.80 12.10 -17.53
N SER A 37 -8.58 13.33 -17.97
CA SER A 37 -8.19 14.39 -17.05
C SER A 37 -9.29 15.43 -16.88
N SER A 38 -9.39 15.98 -15.67
CA SER A 38 -10.40 17.01 -15.40
C SER A 38 -10.18 18.27 -16.26
N ASP A 39 -8.92 18.59 -16.54
CA ASP A 39 -8.62 19.72 -17.41
C ASP A 39 -9.21 19.49 -18.82
N PHE A 40 -8.99 18.30 -19.35
CA PHE A 40 -9.42 17.98 -20.68
C PHE A 40 -10.94 18.02 -20.78
N CYS A 41 -11.59 17.56 -19.71
CA CYS A 41 -13.05 17.59 -19.65
C CYS A 41 -13.59 19.02 -19.55
N ARG A 42 -12.86 19.91 -18.89
CA ARG A 42 -13.24 21.33 -18.89
C ARG A 42 -13.23 21.88 -20.32
N GLY A 43 -12.25 21.44 -21.09
CA GLY A 43 -12.15 21.87 -22.48
C GLY A 43 -13.30 21.33 -23.32
N LEU A 44 -13.61 20.06 -23.12
CA LEU A 44 -14.72 19.42 -23.81
C LEU A 44 -16.02 20.20 -23.65
N VAL A 45 -16.33 20.62 -22.43
CA VAL A 45 -17.60 21.27 -22.16
C VAL A 45 -17.57 22.79 -22.27
N SER A 46 -16.39 23.41 -22.32
CA SER A 46 -16.35 24.87 -22.24
C SER A 46 -15.43 25.57 -23.25
N ASP A 47 -14.65 24.77 -23.98
CA ASP A 47 -13.62 25.27 -24.90
C ASP A 47 -12.34 25.64 -24.17
N ASP A 48 -12.38 25.66 -22.83
CA ASP A 48 -11.27 26.18 -22.06
C ASP A 48 -10.85 25.26 -20.91
N GLU A 49 -9.66 24.68 -21.00
CA GLU A 49 -9.18 23.75 -19.98
C GLU A 49 -8.92 24.42 -18.63
N ASN A 50 -8.77 25.74 -18.63
CA ASN A 50 -8.55 26.47 -17.40
C ASN A 50 -9.81 27.05 -16.78
N ASP A 51 -10.94 26.86 -17.44
CA ASP A 51 -12.19 27.45 -16.98
C ASP A 51 -12.67 26.82 -15.66
N GLN A 52 -12.57 27.58 -14.57
CA GLN A 52 -12.87 27.03 -13.24
C GLN A 52 -14.36 27.05 -12.91
N THR A 53 -15.15 27.73 -13.73
CA THR A 53 -16.59 27.86 -13.46
C THR A 53 -17.40 26.63 -13.86
N VAL A 54 -16.77 25.70 -14.60
CA VAL A 54 -17.52 24.58 -15.16
C VAL A 54 -17.21 23.24 -14.51
N THR A 55 -16.82 23.29 -13.22
CA THR A 55 -16.40 22.10 -12.50
C THR A 55 -17.44 20.98 -12.48
N GLY A 56 -18.66 21.32 -12.09
CA GLY A 56 -19.73 20.33 -12.03
C GLY A 56 -19.93 19.58 -13.35
N ALA A 57 -20.01 20.32 -14.45
CA ALA A 57 -20.23 19.70 -15.75
C ALA A 57 -19.04 18.86 -16.18
N ALA A 58 -17.83 19.38 -15.94
CA ALA A 58 -16.62 18.67 -16.35
C ALA A 58 -16.49 17.33 -15.62
N PHE A 59 -16.71 17.33 -14.32
CA PHE A 59 -16.59 16.09 -13.56
C PHE A 59 -17.74 15.13 -13.84
N ASP A 60 -18.93 15.68 -14.12
CA ASP A 60 -19.99 14.84 -14.65
C ASP A 60 -19.50 14.09 -15.88
N VAL A 61 -18.84 14.81 -16.78
CA VAL A 61 -18.40 14.20 -18.03
C VAL A 61 -17.30 13.16 -17.74
N LEU A 62 -16.35 13.53 -16.92
CA LEU A 62 -15.27 12.61 -16.54
C LEU A 62 -15.81 11.31 -15.95
N HIS A 63 -16.75 11.44 -15.02
CA HIS A 63 -17.35 10.26 -14.40
C HIS A 63 -18.09 9.40 -15.42
N TYR A 64 -18.76 10.03 -16.38
CA TYR A 64 -19.50 9.26 -17.37
C TYR A 64 -18.53 8.49 -18.28
N ILE A 65 -17.47 9.17 -18.71
CA ILE A 65 -16.49 8.49 -19.56
C ILE A 65 -15.85 7.33 -18.80
N VAL A 66 -15.50 7.57 -17.54
CA VAL A 66 -14.94 6.50 -16.71
C VAL A 66 -15.88 5.28 -16.70
N SER A 67 -17.17 5.52 -16.45
CA SER A 67 -18.11 4.41 -16.35
C SER A 67 -18.21 3.63 -17.65
N LYS A 68 -18.16 4.35 -18.78
CA LYS A 68 -18.26 3.69 -20.07
C LYS A 68 -17.02 2.84 -20.32
N ARG A 69 -15.86 3.37 -19.95
CA ARG A 69 -14.61 2.63 -20.15
C ARG A 69 -14.58 1.38 -19.28
N LEU A 70 -14.89 1.52 -18.00
CA LEU A 70 -14.83 0.38 -17.09
C LEU A 70 -15.88 -0.64 -17.46
N GLN A 71 -17.02 -0.17 -17.95
CA GLN A 71 -18.03 -1.08 -18.44
C GLN A 71 -17.53 -1.92 -19.62
N LEU A 72 -16.67 -1.32 -20.43
CA LEU A 72 -16.10 -2.01 -21.58
C LEU A 72 -14.84 -2.81 -21.25
N GLY A 73 -14.45 -2.81 -19.97
CA GLY A 73 -13.28 -3.55 -19.52
C GLY A 73 -11.98 -2.88 -19.93
N LYS A 74 -11.98 -1.55 -19.98
CA LYS A 74 -10.83 -0.78 -20.40
C LYS A 74 -10.14 -0.08 -19.23
N LEU A 75 -8.85 -0.37 -19.03
CA LEU A 75 -8.07 0.29 -17.99
C LEU A 75 -8.19 1.79 -18.14
N THR A 76 -8.31 2.49 -17.02
CA THR A 76 -8.54 3.92 -17.06
C THR A 76 -7.77 4.58 -15.94
N VAL A 77 -7.24 5.76 -16.23
CA VAL A 77 -6.49 6.53 -15.26
C VAL A 77 -7.14 7.90 -15.12
N VAL A 78 -7.50 8.25 -13.89
CA VAL A 78 -8.12 9.54 -13.64
C VAL A 78 -7.07 10.55 -13.26
N ASP A 79 -6.88 11.54 -14.14
CA ASP A 79 -5.92 12.58 -13.90
C ASP A 79 -6.63 13.83 -13.35
N ALA A 80 -6.76 13.87 -12.03
CA ALA A 80 -7.34 15.02 -11.33
C ALA A 80 -6.64 15.07 -9.98
N THR A 81 -6.85 16.12 -9.20
CA THR A 81 -6.10 16.28 -7.97
C THR A 81 -6.45 15.18 -6.97
N ASN A 82 -7.74 14.95 -6.75
CA ASN A 82 -8.21 13.77 -6.02
C ASN A 82 -7.79 13.72 -4.54
N VAL A 83 -7.60 14.88 -3.92
CA VAL A 83 -7.10 14.93 -2.57
C VAL A 83 -8.23 14.99 -1.56
N GLN A 84 -9.45 15.21 -2.05
CA GLN A 84 -10.63 15.19 -1.19
C GLN A 84 -11.34 13.85 -1.24
N GLU A 85 -11.67 13.32 -0.06
CA GLU A 85 -12.38 12.05 0.01
C GLU A 85 -13.63 12.08 -0.84
N SER A 86 -14.28 13.24 -0.87
CA SER A 86 -15.53 13.40 -1.61
C SER A 86 -15.29 13.32 -3.11
N ALA A 87 -14.08 13.65 -3.55
CA ALA A 87 -13.72 13.46 -4.96
C ALA A 87 -13.51 11.99 -5.28
N ARG A 88 -12.92 11.26 -4.33
CA ARG A 88 -12.48 9.91 -4.61
C ARG A 88 -13.64 8.94 -4.54
N LYS A 89 -14.63 9.29 -3.71
CA LYS A 89 -15.73 8.37 -3.43
C LYS A 89 -16.48 7.94 -4.69
N PRO A 90 -16.95 8.89 -5.50
CA PRO A 90 -17.68 8.46 -6.70
C PRO A 90 -16.81 7.60 -7.64
N LEU A 91 -15.50 7.80 -7.63
CA LEU A 91 -14.62 7.01 -8.50
C LEU A 91 -14.59 5.57 -8.04
N ILE A 92 -14.40 5.38 -6.74
CA ILE A 92 -14.41 4.05 -6.13
C ILE A 92 -15.71 3.32 -6.42
N GLU A 93 -16.83 4.03 -6.27
CA GLU A 93 -18.14 3.42 -6.49
C GLU A 93 -18.32 2.96 -7.93
N ILE A 94 -17.88 3.78 -8.88
CA ILE A 94 -17.96 3.39 -10.28
C ILE A 94 -17.10 2.12 -10.52
N ALA A 95 -15.88 2.12 -10.00
CA ALA A 95 -14.99 0.98 -10.18
C ALA A 95 -15.63 -0.31 -9.65
N LYS A 96 -16.22 -0.22 -8.46
CA LYS A 96 -16.86 -1.37 -7.86
C LYS A 96 -18.05 -1.83 -8.69
N ASP A 97 -18.80 -0.88 -9.25
CA ASP A 97 -19.95 -1.22 -10.07
C ASP A 97 -19.60 -2.20 -11.20
N TYR A 98 -18.42 -2.05 -11.77
CA TYR A 98 -18.04 -2.89 -12.91
C TYR A 98 -16.92 -3.87 -12.55
N HIS A 99 -16.86 -4.25 -11.28
CA HIS A 99 -15.87 -5.22 -10.83
C HIS A 99 -14.45 -4.85 -11.27
N CYS A 100 -14.11 -3.58 -11.09
CA CYS A 100 -12.76 -3.12 -11.40
CA CYS A 100 -12.79 -3.07 -11.41
C CYS A 100 -12.01 -2.77 -10.11
N PHE A 101 -10.69 -2.93 -10.15
CA PHE A 101 -9.89 -2.67 -8.96
C PHE A 101 -9.48 -1.21 -8.95
N PRO A 102 -9.86 -0.49 -7.88
CA PRO A 102 -9.37 0.88 -7.73
C PRO A 102 -7.96 0.90 -7.16
N VAL A 103 -7.08 1.63 -7.82
CA VAL A 103 -5.68 1.73 -7.46
C VAL A 103 -5.35 3.19 -7.18
N ALA A 104 -4.77 3.47 -6.01
CA ALA A 104 -4.30 4.81 -5.71
C ALA A 104 -2.80 4.93 -5.99
N VAL A 105 -2.44 5.97 -6.75
CA VAL A 105 -1.05 6.35 -6.91
C VAL A 105 -0.90 7.75 -6.32
N VAL A 106 -0.19 7.85 -5.20
CA VAL A 106 -0.13 9.09 -4.44
C VAL A 106 1.20 9.82 -4.62
N PHE A 107 1.12 11.09 -4.97
CA PHE A 107 2.31 11.91 -5.18
C PHE A 107 2.64 12.65 -3.89
N ASN A 108 3.24 11.92 -2.95
CA ASN A 108 3.48 12.43 -1.62
C ASN A 108 4.77 13.23 -1.61
N LEU A 109 4.77 14.36 -2.32
CA LEU A 109 5.95 15.20 -2.42
C LEU A 109 5.82 16.39 -1.48
N PRO A 110 6.96 16.98 -1.14
CA PRO A 110 6.98 18.20 -0.32
C PRO A 110 6.25 19.35 -1.00
N GLU A 111 5.49 20.14 -0.24
CA GLU A 111 4.80 21.30 -0.80
C GLU A 111 5.73 22.19 -1.63
N LYS A 112 6.94 22.41 -1.12
CA LYS A 112 7.89 23.28 -1.82
C LYS A 112 8.13 22.80 -3.25
N VAL A 113 8.18 21.49 -3.45
CA VAL A 113 8.43 20.95 -4.79
C VAL A 113 7.33 21.38 -5.76
N CYS A 114 6.07 21.24 -5.35
CA CYS A 114 4.98 21.64 -6.24
C CYS A 114 4.93 23.15 -6.38
N GLN A 115 5.13 23.86 -5.27
CA GLN A 115 5.10 25.32 -5.34
C GLN A 115 6.09 25.80 -6.40
N GLU A 116 7.26 25.21 -6.42
CA GLU A 116 8.32 25.59 -7.33
C GLU A 116 7.97 25.26 -8.79
N ARG A 117 7.47 24.06 -9.04
CA ARG A 117 7.02 23.68 -10.38
C ARG A 117 5.90 24.61 -10.85
N ASN A 118 4.99 24.95 -9.94
CA ASN A 118 3.88 25.82 -10.27
C ASN A 118 4.36 27.15 -10.84
N LYS A 119 5.38 27.74 -10.23
CA LYS A 119 5.86 29.03 -10.69
C LYS A 119 6.53 28.97 -12.06
N ASN A 120 6.80 27.77 -12.55
CA ASN A 120 7.43 27.59 -13.84
C ASN A 120 6.48 27.14 -14.94
N ARG A 121 5.25 26.80 -14.59
CA ARG A 121 4.29 26.30 -15.57
C ARG A 121 4.03 27.36 -16.63
N THR A 122 3.67 26.91 -17.82
CA THR A 122 3.32 27.81 -18.91
C THR A 122 1.83 27.73 -19.19
N ASP A 123 1.17 26.67 -18.74
CA ASP A 123 -0.24 26.49 -19.04
C ASP A 123 -1.16 27.31 -18.14
N ARG A 124 -0.89 27.27 -16.84
CA ARG A 124 -1.73 27.94 -15.86
C ARG A 124 -1.13 27.75 -14.48
N GLN A 125 -0.93 28.84 -13.76
CA GLN A 125 -0.35 28.74 -12.42
C GLN A 125 -1.43 29.00 -11.37
N VAL A 126 -1.38 28.28 -10.26
CA VAL A 126 -2.36 28.49 -9.20
C VAL A 126 -1.78 29.34 -8.11
N GLU A 127 -2.64 29.91 -7.26
CA GLU A 127 -2.17 30.67 -6.11
C GLU A 127 -1.52 29.71 -5.14
N GLU A 128 -0.58 30.22 -4.34
CA GLU A 128 0.15 29.37 -3.41
C GLU A 128 -0.76 28.63 -2.43
N TYR A 129 -1.82 29.29 -1.95
CA TYR A 129 -2.69 28.65 -0.96
C TYR A 129 -3.36 27.40 -1.53
N VAL A 130 -3.51 27.36 -2.86
CA VAL A 130 -4.07 26.17 -3.49
C VAL A 130 -3.18 24.93 -3.27
N ILE A 131 -1.89 25.06 -3.52
CA ILE A 131 -0.97 23.94 -3.37
C ILE A 131 -0.74 23.59 -1.90
N ARG A 132 -0.80 24.61 -1.04
CA ARG A 132 -0.67 24.40 0.39
C ARG A 132 -1.86 23.58 0.88
N LYS A 133 -3.05 23.95 0.43
CA LYS A 133 -4.26 23.25 0.77
C LYS A 133 -4.29 21.82 0.23
N HIS A 134 -3.90 21.63 -1.04
CA HIS A 134 -3.87 20.28 -1.61
C HIS A 134 -2.92 19.38 -0.84
N THR A 135 -1.75 19.91 -0.52
CA THR A 135 -0.74 19.08 0.14
C THR A 135 -1.23 18.63 1.52
N GLN A 136 -1.87 19.53 2.25
CA GLN A 136 -2.41 19.18 3.56
C GLN A 136 -3.55 18.18 3.42
N GLN A 137 -4.43 18.37 2.44
CA GLN A 137 -5.51 17.41 2.22
C GLN A 137 -4.98 16.03 1.82
N LEU A 138 -3.91 16.01 1.03
CA LEU A 138 -3.32 14.75 0.59
C LEU A 138 -2.76 14.03 1.81
N LYS A 139 -1.95 14.74 2.60
CA LYS A 139 -1.27 14.13 3.74
C LYS A 139 -2.30 13.54 4.70
N LYS A 140 -3.43 14.23 4.84
CA LYS A 140 -4.52 13.75 5.69
C LYS A 140 -5.30 12.61 5.06
N SER A 141 -5.13 12.41 3.76
CA SER A 141 -5.84 11.36 3.06
C SER A 141 -5.16 10.00 3.15
N ILE A 142 -3.82 10.00 3.21
CA ILE A 142 -3.04 8.80 2.98
C ILE A 142 -3.49 7.63 3.85
N LYS A 143 -3.57 7.86 5.16
CA LYS A 143 -3.80 6.77 6.11
C LYS A 143 -5.08 6.00 5.79
N GLY A 144 -6.13 6.71 5.36
CA GLY A 144 -7.42 6.09 5.16
C GLY A 144 -7.70 5.52 3.78
N LEU A 145 -6.76 5.65 2.84
CA LEU A 145 -7.02 5.23 1.47
C LEU A 145 -7.46 3.76 1.32
N GLN A 146 -6.72 2.84 1.92
CA GLN A 146 -7.07 1.43 1.80
C GLN A 146 -8.52 1.21 2.25
N ARG A 147 -8.87 1.81 3.39
CA ARG A 147 -10.20 1.66 3.96
C ARG A 147 -11.30 2.25 3.06
N GLU A 148 -10.93 3.26 2.27
CA GLU A 148 -11.88 3.90 1.36
C GLU A 148 -12.34 2.97 0.25
N GLY A 149 -11.58 1.90 0.03
CA GLY A 149 -11.91 0.95 -1.03
C GLY A 149 -10.81 0.73 -2.06
N PHE A 150 -9.68 1.42 -1.94
CA PHE A 150 -8.59 1.16 -2.87
C PHE A 150 -7.97 -0.20 -2.56
N ARG A 151 -7.86 -1.03 -3.58
CA ARG A 151 -7.36 -2.38 -3.43
C ARG A 151 -5.84 -2.41 -3.34
N TYR A 152 -5.19 -1.47 -4.03
CA TYR A 152 -3.76 -1.28 -3.92
C TYR A 152 -3.47 0.19 -3.73
N VAL A 153 -2.67 0.51 -2.72
CA VAL A 153 -2.31 1.90 -2.42
C VAL A 153 -0.82 2.08 -2.62
N TYR A 154 -0.45 2.89 -3.60
CA TYR A 154 0.96 3.10 -3.89
C TYR A 154 1.36 4.53 -3.55
N ILE A 155 2.25 4.68 -2.57
CA ILE A 155 2.65 6.02 -2.15
C ILE A 155 4.05 6.33 -2.64
N LEU A 156 4.17 7.40 -3.43
CA LEU A 156 5.48 7.80 -3.94
C LEU A 156 5.96 9.00 -3.13
N ASN A 157 7.19 8.91 -2.62
CA ASN A 157 7.61 9.83 -1.56
C ASN A 157 8.62 10.89 -1.94
N SER A 158 9.17 10.79 -3.14
CA SER A 158 10.13 11.78 -3.59
C SER A 158 10.12 11.82 -5.10
N PRO A 159 10.67 12.89 -5.69
CA PRO A 159 10.76 12.94 -7.15
C PRO A 159 11.63 11.80 -7.69
N GLU A 160 12.62 11.38 -6.92
CA GLU A 160 13.42 10.23 -7.29
C GLU A 160 12.56 8.96 -7.41
N GLU A 161 11.71 8.72 -6.41
CA GLU A 161 10.81 7.57 -6.45
C GLU A 161 9.83 7.63 -7.64
N VAL A 162 9.24 8.80 -7.87
CA VAL A 162 8.33 8.98 -8.98
C VAL A 162 9.04 8.62 -10.28
N GLU A 163 10.27 9.09 -10.43
CA GLU A 163 11.01 8.94 -11.68
C GLU A 163 11.35 7.47 -11.96
N GLU A 164 11.42 6.67 -10.90
CA GLU A 164 11.81 5.27 -11.01
C GLU A 164 10.64 4.31 -11.17
N VAL A 165 9.43 4.85 -11.20
CA VAL A 165 8.25 4.00 -11.29
C VAL A 165 8.19 3.24 -12.61
N VAL A 166 7.82 1.98 -12.53
CA VAL A 166 7.48 1.20 -13.70
C VAL A 166 6.20 0.43 -13.40
N PHE A 167 5.23 0.50 -14.29
CA PHE A 167 4.02 -0.26 -14.11
C PHE A 167 4.19 -1.65 -14.67
N GLU A 168 3.75 -2.64 -13.90
CA GLU A 168 3.76 -4.00 -14.40
C GLU A 168 2.33 -4.50 -14.36
N ARG A 169 1.88 -5.13 -15.45
CA ARG A 169 0.58 -5.77 -15.38
C ARG A 169 0.70 -6.96 -14.45
N GLN A 170 -0.40 -7.32 -13.82
CA GLN A 170 -0.43 -8.34 -12.79
C GLN A 170 -0.56 -9.75 -13.38
N PRO A 171 -1.36 -9.89 -14.46
CA PRO A 171 -2.10 -8.80 -15.14
C PRO A 171 -3.35 -8.36 -14.39
N SER B 1 -15.82 -5.91 3.85
CA SER B 1 -14.57 -6.54 4.23
C SER B 1 -13.39 -5.67 3.84
N MET B 2 -12.24 -5.95 4.44
CA MET B 2 -11.00 -5.34 4.03
C MET B 2 -10.27 -6.38 3.19
N LYS B 3 -10.42 -6.31 1.88
CA LYS B 3 -9.82 -7.31 0.99
C LYS B 3 -8.34 -7.05 0.75
N LEU B 4 -7.53 -8.06 1.02
CA LEU B 4 -6.11 -7.96 0.75
C LEU B 4 -5.75 -8.97 -0.33
N THR B 5 -5.27 -8.46 -1.46
CA THR B 5 -5.01 -9.31 -2.60
C THR B 5 -3.57 -9.75 -2.61
N ILE B 6 -3.36 -11.05 -2.78
CA ILE B 6 -2.01 -11.62 -2.89
C ILE B 6 -1.93 -12.68 -3.97
N PRO B 7 -0.78 -12.77 -4.64
CA PRO B 7 -0.61 -13.83 -5.64
C PRO B 7 -0.60 -15.21 -4.94
N GLU B 8 -1.04 -16.24 -5.65
CA GLU B 8 -1.10 -17.60 -5.11
C GLU B 8 0.26 -17.99 -4.51
N LEU B 9 1.32 -17.51 -5.15
CA LEU B 9 2.65 -17.69 -4.62
C LEU B 9 3.23 -16.33 -4.24
N SER B 10 3.41 -16.11 -2.95
CA SER B 10 4.04 -14.89 -2.46
C SER B 10 4.65 -15.11 -1.08
N LEU B 11 5.45 -14.14 -0.63
CA LEU B 11 6.01 -14.18 0.71
C LEU B 11 5.32 -13.11 1.51
N VAL B 12 4.41 -13.53 2.39
CA VAL B 12 3.69 -12.57 3.22
C VAL B 12 4.46 -12.34 4.52
N VAL B 13 4.84 -11.08 4.75
CA VAL B 13 5.61 -10.70 5.91
C VAL B 13 4.73 -9.94 6.90
N LEU B 14 4.41 -10.56 8.04
CA LEU B 14 3.62 -9.87 9.07
C LEU B 14 4.49 -8.91 9.86
N ILE B 15 4.02 -7.68 10.04
CA ILE B 15 4.78 -6.65 10.74
C ILE B 15 3.97 -6.08 11.88
N GLY B 16 4.44 -6.29 13.10
CA GLY B 16 3.68 -5.91 14.27
C GLY B 16 4.42 -6.15 15.57
N SER B 17 4.15 -5.27 16.52
CA SER B 17 4.74 -5.36 17.84
C SER B 17 4.36 -6.70 18.46
N SER B 18 5.15 -7.16 19.43
CA SER B 18 4.67 -8.24 20.28
C SER B 18 3.28 -7.84 20.82
N GLY B 19 2.33 -8.77 20.80
CA GLY B 19 1.00 -8.52 21.31
C GLY B 19 0.02 -7.89 20.31
N SER B 20 0.46 -7.68 19.08
CA SER B 20 -0.43 -7.02 18.10
C SER B 20 -1.38 -8.01 17.45
N GLY B 21 -1.14 -9.30 17.64
CA GLY B 21 -2.05 -10.33 17.15
C GLY B 21 -1.56 -11.10 15.93
N LYS B 22 -0.25 -11.06 15.68
CA LYS B 22 0.31 -11.69 14.47
C LYS B 22 0.02 -13.19 14.40
N SER B 23 0.32 -13.90 15.49
CA SER B 23 0.18 -15.36 15.45
C SER B 23 -1.30 -15.76 15.33
N THR B 24 -2.17 -15.07 16.08
CA THR B 24 -3.61 -15.28 16.00
C THR B 24 -4.16 -15.09 14.58
N PHE B 25 -3.74 -14.00 13.95
CA PHE B 25 -4.12 -13.67 12.58
C PHE B 25 -3.63 -14.71 11.58
N ALA B 26 -2.37 -15.12 11.73
CA ALA B 26 -1.77 -16.06 10.78
C ALA B 26 -2.49 -17.41 10.84
N LYS B 27 -2.90 -17.80 12.05
CA LYS B 27 -3.63 -19.05 12.23
C LYS B 27 -5.02 -18.94 11.63
N LYS B 28 -5.61 -17.76 11.73
CA LYS B 28 -6.95 -17.56 11.19
C LYS B 28 -6.95 -17.66 9.65
N HIS B 29 -5.93 -17.09 9.00
CA HIS B 29 -5.96 -16.90 7.55
C HIS B 29 -5.19 -17.89 6.68
N PHE B 30 -4.30 -18.68 7.29
CA PHE B 30 -3.40 -19.53 6.52
C PHE B 30 -3.30 -20.96 7.04
N LYS B 31 -2.85 -21.88 6.20
CA LYS B 31 -2.62 -23.25 6.64
C LYS B 31 -1.49 -23.22 7.65
N PRO B 32 -1.50 -24.17 8.59
CA PRO B 32 -0.46 -24.23 9.61
C PRO B 32 0.95 -24.29 9.01
N THR B 33 1.14 -25.03 7.93
CA THR B 33 2.47 -25.19 7.35
C THR B 33 2.91 -24.02 6.47
N GLU B 34 1.98 -23.10 6.20
CA GLU B 34 2.31 -21.90 5.42
C GLU B 34 2.93 -20.84 6.32
N VAL B 35 2.73 -20.99 7.63
CA VAL B 35 3.22 -20.03 8.60
C VAL B 35 4.53 -20.53 9.27
N ILE B 36 5.62 -19.78 9.08
CA ILE B 36 6.86 -20.03 9.83
C ILE B 36 7.01 -18.91 10.83
N SER B 37 7.10 -19.25 12.11
CA SER B 37 7.23 -18.22 13.13
C SER B 37 8.59 -18.29 13.79
N SER B 38 9.07 -17.14 14.24
CA SER B 38 10.35 -17.07 14.89
C SER B 38 10.30 -17.80 16.23
N ASP B 39 9.15 -17.72 16.90
CA ASP B 39 8.97 -18.47 18.15
C ASP B 39 9.14 -19.95 17.91
N PHE B 40 8.46 -20.47 16.90
CA PHE B 40 8.52 -21.88 16.61
C PHE B 40 9.95 -22.33 16.33
N CYS B 41 10.71 -21.48 15.64
CA CYS B 41 12.09 -21.83 15.29
C CYS B 41 13.04 -21.75 16.47
N ARG B 42 12.75 -20.89 17.43
CA ARG B 42 13.51 -20.90 18.67
C ARG B 42 13.33 -22.23 19.38
N GLY B 43 12.11 -22.78 19.29
CA GLY B 43 11.82 -24.07 19.86
C GLY B 43 12.54 -25.19 19.15
N LEU B 44 12.56 -25.14 17.82
CA LEU B 44 13.26 -26.14 17.01
C LEU B 44 14.74 -26.25 17.34
N VAL B 45 15.41 -25.13 17.56
CA VAL B 45 16.84 -25.16 17.76
C VAL B 45 17.26 -25.25 19.22
N SER B 46 16.32 -24.99 20.14
CA SER B 46 16.71 -24.82 21.55
C SER B 46 15.79 -25.52 22.56
N ASP B 47 14.65 -26.02 22.09
CA ASP B 47 13.62 -26.61 22.94
C ASP B 47 12.70 -25.55 23.56
N ASP B 48 13.11 -24.29 23.50
CA ASP B 48 12.42 -23.25 24.25
C ASP B 48 12.02 -22.08 23.36
N GLU B 49 10.72 -21.93 23.12
CA GLU B 49 10.23 -20.91 22.22
C GLU B 49 10.50 -19.49 22.72
N ASN B 50 10.73 -19.34 24.02
CA ASN B 50 10.96 -18.03 24.63
C ASN B 50 12.44 -17.73 24.87
N ASP B 51 13.32 -18.65 24.52
CA ASP B 51 14.77 -18.45 24.67
C ASP B 51 15.27 -17.35 23.72
N GLN B 52 15.48 -16.16 24.26
CA GLN B 52 15.90 -15.02 23.45
C GLN B 52 17.38 -15.07 23.00
N THR B 53 18.15 -16.00 23.54
CA THR B 53 19.58 -16.08 23.22
C THR B 53 19.88 -16.89 21.97
N VAL B 54 18.87 -17.53 21.39
CA VAL B 54 19.10 -18.36 20.22
C VAL B 54 18.50 -17.69 18.95
N THR B 55 18.24 -16.40 19.06
CA THR B 55 17.58 -15.64 17.98
C THR B 55 18.24 -15.85 16.63
N GLY B 56 19.55 -15.73 16.60
CA GLY B 56 20.32 -15.84 15.38
C GLY B 56 20.16 -17.19 14.72
N ALA B 57 20.31 -18.25 15.52
CA ALA B 57 20.13 -19.60 15.02
C ALA B 57 18.70 -19.81 14.51
N ALA B 58 17.72 -19.33 15.28
CA ALA B 58 16.32 -19.51 14.92
C ALA B 58 16.01 -18.86 13.58
N PHE B 59 16.48 -17.62 13.40
CA PHE B 59 16.25 -16.96 12.12
C PHE B 59 17.00 -17.59 10.94
N ASP B 60 18.20 -18.10 11.19
CA ASP B 60 18.88 -18.85 10.14
C ASP B 60 18.00 -20.00 9.68
N VAL B 61 17.44 -20.73 10.63
CA VAL B 61 16.54 -21.83 10.29
C VAL B 61 15.27 -21.32 9.57
N LEU B 62 14.64 -20.29 10.12
CA LEU B 62 13.49 -19.66 9.48
CA LEU B 62 13.48 -19.69 9.48
C LEU B 62 13.81 -19.25 8.05
N HIS B 63 14.90 -18.50 7.88
CA HIS B 63 15.31 -18.07 6.53
C HIS B 63 15.52 -19.24 5.57
N TYR B 64 16.16 -20.30 6.06
CA TYR B 64 16.43 -21.47 5.23
C TYR B 64 15.14 -22.20 4.86
N ILE B 65 14.22 -22.28 5.81
CA ILE B 65 12.92 -22.88 5.53
C ILE B 65 12.16 -22.07 4.47
N VAL B 66 12.14 -20.74 4.64
CA VAL B 66 11.49 -19.88 3.67
C VAL B 66 12.06 -20.14 2.28
N SER B 67 13.38 -20.18 2.21
CA SER B 67 14.09 -20.46 0.98
C SER B 67 13.60 -21.74 0.29
N LYS B 68 13.51 -22.85 1.04
CA LYS B 68 13.04 -24.10 0.44
C LYS B 68 11.60 -24.01 -0.07
N ARG B 69 10.75 -23.34 0.70
CA ARG B 69 9.35 -23.28 0.36
C ARG B 69 9.16 -22.48 -0.93
N LEU B 70 9.85 -21.36 -1.04
CA LEU B 70 9.77 -20.58 -2.29
C LEU B 70 10.39 -21.35 -3.46
N GLN B 71 11.52 -21.99 -3.21
CA GLN B 71 12.15 -22.80 -4.25
C GLN B 71 11.13 -23.77 -4.86
N LEU B 72 10.28 -24.33 -4.01
CA LEU B 72 9.28 -25.31 -4.43
C LEU B 72 7.93 -24.67 -4.76
N GLY B 73 7.86 -23.35 -4.75
CA GLY B 73 6.65 -22.64 -5.13
C GLY B 73 5.52 -22.70 -4.11
N LYS B 74 5.86 -22.62 -2.83
CA LYS B 74 4.87 -22.67 -1.75
C LYS B 74 4.67 -21.32 -1.09
N LEU B 75 3.41 -20.87 -1.02
CA LEU B 75 3.06 -19.64 -0.32
C LEU B 75 3.57 -19.73 1.10
N THR B 76 4.15 -18.63 1.57
CA THR B 76 4.77 -18.62 2.88
C THR B 76 4.51 -17.32 3.62
N VAL B 77 4.17 -17.45 4.90
CA VAL B 77 3.91 -16.30 5.76
C VAL B 77 4.93 -16.28 6.90
N VAL B 78 5.62 -15.15 7.08
CA VAL B 78 6.60 -15.03 8.15
C VAL B 78 5.97 -14.39 9.36
N ASP B 79 5.81 -15.18 10.41
CA ASP B 79 5.25 -14.73 11.68
C ASP B 79 6.38 -14.33 12.64
N ALA B 80 6.83 -13.09 12.51
CA ALA B 80 7.82 -12.50 13.41
C ALA B 80 7.52 -11.02 13.54
N THR B 81 8.20 -10.32 14.44
CA THR B 81 7.90 -8.90 14.67
C THR B 81 8.17 -8.06 13.40
N ASN B 82 9.34 -8.25 12.80
CA ASN B 82 9.69 -7.60 11.53
C ASN B 82 9.60 -6.07 11.54
N VAL B 83 9.79 -5.47 12.70
CA VAL B 83 9.69 -4.01 12.81
C VAL B 83 11.01 -3.32 12.49
N GLN B 84 12.10 -4.09 12.39
CA GLN B 84 13.39 -3.50 12.05
C GLN B 84 13.71 -3.78 10.60
N GLU B 85 14.16 -2.75 9.90
CA GLU B 85 14.50 -2.89 8.50
C GLU B 85 15.49 -4.02 8.30
N SER B 86 16.38 -4.20 9.27
CA SER B 86 17.40 -5.23 9.16
C SER B 86 16.80 -6.65 9.17
N ALA B 87 15.65 -6.81 9.82
CA ALA B 87 14.98 -8.12 9.85
C ALA B 87 14.24 -8.37 8.54
N ARG B 88 13.66 -7.32 7.98
CA ARG B 88 12.92 -7.44 6.72
C ARG B 88 13.83 -7.64 5.50
N LYS B 89 15.01 -7.05 5.56
CA LYS B 89 15.95 -7.07 4.44
C LYS B 89 16.23 -8.47 3.85
N PRO B 90 16.64 -9.44 4.70
CA PRO B 90 16.90 -10.80 4.20
C PRO B 90 15.68 -11.49 3.59
N LEU B 91 14.50 -11.19 4.11
CA LEU B 91 13.28 -11.76 3.56
C LEU B 91 13.04 -11.27 2.14
N ILE B 92 13.18 -9.96 1.95
CA ILE B 92 13.04 -9.38 0.62
C ILE B 92 14.07 -9.98 -0.31
N GLU B 93 15.30 -10.16 0.18
CA GLU B 93 16.35 -10.71 -0.66
C GLU B 93 16.01 -12.14 -1.08
N ILE B 94 15.46 -12.91 -0.14
CA ILE B 94 15.09 -14.29 -0.45
C ILE B 94 13.97 -14.33 -1.50
N ALA B 95 12.92 -13.56 -1.26
CA ALA B 95 11.83 -13.45 -2.22
C ALA B 95 12.34 -12.99 -3.59
N LYS B 96 13.21 -11.99 -3.60
CA LYS B 96 13.88 -11.56 -4.82
C LYS B 96 14.60 -12.73 -5.50
N ASP B 97 15.32 -13.53 -4.71
CA ASP B 97 16.10 -14.65 -5.23
C ASP B 97 15.23 -15.69 -5.94
N TYR B 98 14.05 -15.93 -5.43
CA TYR B 98 13.16 -16.91 -6.04
C TYR B 98 12.05 -16.29 -6.90
N HIS B 99 12.20 -15.02 -7.24
CA HIS B 99 11.21 -14.29 -8.05
C HIS B 99 9.79 -14.40 -7.51
N CYS B 100 9.66 -14.08 -6.22
CA CYS B 100 8.39 -14.14 -5.53
CA CYS B 100 8.40 -14.16 -5.51
C CYS B 100 8.02 -12.77 -5.00
N PHE B 101 6.72 -12.46 -5.02
CA PHE B 101 6.24 -11.17 -4.52
C PHE B 101 6.31 -11.10 -3.00
N PRO B 102 7.07 -10.15 -2.45
CA PRO B 102 7.02 -9.92 -1.01
C PRO B 102 5.82 -9.04 -0.71
N VAL B 103 5.07 -9.37 0.33
CA VAL B 103 3.87 -8.62 0.68
C VAL B 103 3.97 -8.24 2.15
N ALA B 104 3.77 -6.97 2.46
CA ALA B 104 3.83 -6.50 3.84
C ALA B 104 2.43 -6.40 4.41
N VAL B 105 2.18 -7.04 5.55
CA VAL B 105 0.93 -6.88 6.26
C VAL B 105 1.25 -6.27 7.62
N VAL B 106 0.89 -5.01 7.80
CA VAL B 106 1.30 -4.25 8.98
C VAL B 106 0.18 -4.06 9.97
N PHE B 107 0.44 -4.44 11.22
CA PHE B 107 -0.51 -4.27 12.31
C PHE B 107 -0.27 -2.93 12.99
N ASN B 108 -0.78 -1.87 12.35
CA ASN B 108 -0.51 -0.51 12.80
C ASN B 108 -1.49 -0.12 13.88
N LEU B 109 -1.38 -0.78 15.03
CA LEU B 109 -2.29 -0.57 16.14
C LEU B 109 -1.70 0.35 17.20
N PRO B 110 -2.56 1.04 17.95
CA PRO B 110 -2.12 1.89 19.05
C PRO B 110 -1.36 1.07 20.07
N GLU B 111 -0.26 1.63 20.60
CA GLU B 111 0.54 0.93 21.57
C GLU B 111 -0.34 0.37 22.69
N LYS B 112 -1.34 1.16 23.08
CA LYS B 112 -2.21 0.81 24.19
C LYS B 112 -2.88 -0.55 24.04
N VAL B 113 -3.28 -0.89 22.81
CA VAL B 113 -3.92 -2.17 22.54
C VAL B 113 -2.94 -3.32 22.77
N CYS B 114 -1.77 -3.24 22.14
CA CYS B 114 -0.74 -4.25 22.32
C CYS B 114 -0.38 -4.42 23.79
N GLN B 115 -0.29 -3.31 24.52
CA GLN B 115 0.08 -3.39 25.93
C GLN B 115 -0.94 -4.17 26.76
N GLU B 116 -2.23 -3.93 26.50
CA GLU B 116 -3.28 -4.60 27.26
C GLU B 116 -3.44 -6.06 26.86
N ARG B 117 -3.28 -6.35 25.57
CA ARG B 117 -3.26 -7.74 25.11
C ARG B 117 -2.10 -8.49 25.77
N ASN B 118 -0.91 -7.88 25.71
CA ASN B 118 0.24 -8.42 26.40
C ASN B 118 -0.07 -8.69 27.88
N LYS B 119 -0.72 -7.74 28.53
CA LYS B 119 -1.04 -7.83 29.94
C LYS B 119 -1.92 -9.06 30.23
N ASN B 120 -2.69 -9.48 29.22
CA ASN B 120 -3.61 -10.58 29.36
C ASN B 120 -3.19 -11.87 28.67
N ARG B 121 -1.94 -11.95 28.23
CA ARG B 121 -1.42 -13.18 27.64
C ARG B 121 -1.14 -14.20 28.74
N THR B 122 -1.22 -15.48 28.39
CA THR B 122 -0.93 -16.53 29.36
C THR B 122 0.33 -17.31 29.01
N ASP B 123 0.91 -17.01 27.85
CA ASP B 123 2.15 -17.66 27.43
C ASP B 123 3.37 -16.85 27.88
N ARG B 124 3.93 -16.06 26.98
CA ARG B 124 5.04 -15.19 27.36
C ARG B 124 4.71 -13.70 27.24
N GLN B 125 4.33 -13.12 28.37
CA GLN B 125 4.20 -11.69 28.50
C GLN B 125 5.59 -11.06 28.41
N VAL B 126 5.70 -9.92 27.74
CA VAL B 126 6.97 -9.23 27.67
C VAL B 126 6.93 -7.99 28.55
N GLU B 127 8.09 -7.36 28.76
CA GLU B 127 8.10 -6.06 29.44
C GLU B 127 7.45 -4.96 28.60
N GLU B 128 6.74 -4.07 29.28
CA GLU B 128 6.07 -2.95 28.62
C GLU B 128 7.03 -2.23 27.67
N TYR B 129 8.25 -2.07 28.14
CA TYR B 129 9.34 -1.46 27.41
C TYR B 129 9.49 -2.05 26.00
N VAL B 130 9.43 -3.38 25.90
CA VAL B 130 9.56 -4.06 24.63
C VAL B 130 8.51 -3.54 23.64
N ILE B 131 7.28 -3.42 24.10
CA ILE B 131 6.19 -3.02 23.21
C ILE B 131 6.26 -1.53 22.91
N ARG B 132 6.74 -0.73 23.85
CA ARG B 132 7.00 0.68 23.55
C ARG B 132 7.98 0.77 22.38
N LYS B 133 9.06 0.00 22.47
CA LYS B 133 10.10 0.03 21.46
C LYS B 133 9.61 -0.50 20.10
N HIS B 134 8.97 -1.66 20.09
CA HIS B 134 8.44 -2.25 18.87
C HIS B 134 7.51 -1.28 18.16
N THR B 135 6.61 -0.69 18.92
CA THR B 135 5.59 0.16 18.31
C THR B 135 6.23 1.37 17.64
N GLN B 136 7.21 1.98 18.29
CA GLN B 136 7.89 3.13 17.70
C GLN B 136 8.69 2.70 16.47
N GLN B 137 9.29 1.52 16.51
CA GLN B 137 10.02 1.01 15.35
C GLN B 137 9.05 0.77 14.21
N LEU B 138 7.90 0.17 14.51
CA LEU B 138 6.88 -0.05 13.49
C LEU B 138 6.53 1.29 12.83
N LYS B 139 6.16 2.28 13.64
CA LYS B 139 5.78 3.62 13.15
C LYS B 139 6.82 4.23 12.21
N LYS B 140 8.10 4.10 12.56
CA LYS B 140 9.16 4.63 11.70
C LYS B 140 9.37 3.82 10.44
N SER B 141 8.73 2.65 10.35
CA SER B 141 8.99 1.74 9.23
C SER B 141 7.97 1.88 8.10
N ILE B 142 6.77 2.29 8.43
CA ILE B 142 5.68 2.29 7.47
C ILE B 142 6.05 3.03 6.19
N LYS B 143 6.59 4.23 6.32
CA LYS B 143 6.84 5.05 5.16
C LYS B 143 7.71 4.35 4.11
N GLY B 144 8.80 3.74 4.56
CA GLY B 144 9.77 3.19 3.63
C GLY B 144 9.52 1.80 3.08
N LEU B 145 8.42 1.15 3.50
CA LEU B 145 8.18 -0.25 3.14
C LEU B 145 8.14 -0.50 1.62
N GLN B 146 7.41 0.33 0.89
CA GLN B 146 7.36 0.12 -0.55
C GLN B 146 8.77 0.16 -1.15
N ARG B 147 9.53 1.18 -0.78
CA ARG B 147 10.90 1.36 -1.28
C ARG B 147 11.82 0.19 -0.90
N GLU B 148 11.57 -0.42 0.25
CA GLU B 148 12.37 -1.57 0.67
C GLU B 148 12.23 -2.71 -0.32
N GLY B 149 11.10 -2.77 -1.02
CA GLY B 149 10.90 -3.78 -2.03
C GLY B 149 9.60 -4.55 -1.93
N PHE B 150 8.78 -4.25 -0.93
CA PHE B 150 7.47 -4.87 -0.85
C PHE B 150 6.60 -4.47 -2.05
N ARG B 151 6.06 -5.46 -2.76
CA ARG B 151 5.28 -5.19 -3.96
C ARG B 151 3.90 -4.66 -3.60
N TYR B 152 3.28 -5.24 -2.58
CA TYR B 152 2.07 -4.71 -1.98
C TYR B 152 2.34 -4.40 -0.53
N VAL B 153 1.89 -3.23 -0.08
CA VAL B 153 2.00 -2.83 1.31
C VAL B 153 0.60 -2.62 1.89
N TYR B 154 0.20 -3.49 2.80
CA TYR B 154 -1.13 -3.40 3.42
C TYR B 154 -1.04 -2.97 4.89
N ILE B 155 -1.69 -1.84 5.20
CA ILE B 155 -1.64 -1.29 6.55
C ILE B 155 -2.99 -1.39 7.25
N LEU B 156 -3.02 -2.06 8.39
CA LEU B 156 -4.24 -2.22 9.17
C LEU B 156 -4.18 -1.27 10.35
N ASN B 157 -5.18 -0.42 10.52
CA ASN B 157 -5.06 0.70 11.45
C ASN B 157 -5.88 0.61 12.72
N SER B 158 -6.64 -0.48 12.84
CA SER B 158 -7.46 -0.68 14.02
C SER B 158 -7.78 -2.15 14.12
N PRO B 159 -8.18 -2.61 15.32
CA PRO B 159 -8.59 -4.01 15.44
C PRO B 159 -9.81 -4.27 14.57
N GLU B 160 -10.65 -3.27 14.39
CA GLU B 160 -11.84 -3.43 13.55
C GLU B 160 -11.47 -3.74 12.09
N GLU B 161 -10.45 -3.07 11.57
CA GLU B 161 -9.93 -3.40 10.24
C GLU B 161 -9.26 -4.77 10.18
N VAL B 162 -8.39 -5.08 11.14
CA VAL B 162 -7.76 -6.39 11.16
CA VAL B 162 -7.76 -6.40 11.21
C VAL B 162 -8.82 -7.49 11.08
N GLU B 163 -9.87 -7.38 11.88
CA GLU B 163 -10.87 -8.43 11.98
C GLU B 163 -11.65 -8.65 10.70
N GLU B 164 -11.71 -7.64 9.86
CA GLU B 164 -12.51 -7.71 8.65
C GLU B 164 -11.68 -8.09 7.44
N VAL B 165 -10.41 -8.38 7.68
CA VAL B 165 -9.52 -8.81 6.61
C VAL B 165 -9.97 -10.11 5.94
N VAL B 166 -9.85 -10.13 4.62
CA VAL B 166 -10.00 -11.35 3.85
C VAL B 166 -8.92 -11.32 2.79
N PHE B 167 -8.22 -12.44 2.62
CA PHE B 167 -7.21 -12.52 1.57
C PHE B 167 -7.83 -13.14 0.33
N GLU B 168 -7.75 -12.40 -0.78
CA GLU B 168 -8.10 -12.97 -2.08
C GLU B 168 -6.80 -13.33 -2.78
N ARG B 169 -6.73 -14.56 -3.31
CA ARG B 169 -5.51 -15.01 -3.98
C ARG B 169 -5.62 -14.80 -5.50
N GLN B 170 -4.82 -15.54 -6.27
CA GLN B 170 -4.83 -15.43 -7.73
C GLN B 170 -3.64 -16.12 -8.41
PB ADP C . -0.07 18.36 -12.40
O1B ADP C . -0.62 17.65 -13.63
O2B ADP C . -0.03 17.49 -11.16
O3B ADP C . -0.59 19.74 -12.13
PA ADP C . 2.09 18.52 -14.28
O1A ADP C . 1.26 19.45 -15.15
O2A ADP C . 2.37 17.10 -14.72
O3A ADP C . 1.49 18.57 -12.78
O5' ADP C . 3.51 19.23 -14.04
C5' ADP C . 3.51 20.48 -13.34
C4' ADP C . 4.71 21.27 -13.82
O4' ADP C . 5.90 20.69 -13.29
C3' ADP C . 4.82 21.23 -15.33
O3' ADP C . 5.34 22.47 -15.80
C2' ADP C . 5.79 20.09 -15.57
O2' ADP C . 6.56 20.23 -16.77
C1' ADP C . 6.69 20.16 -14.35
N9 ADP C . 7.18 18.83 -13.98
C8 ADP C . 6.51 17.65 -14.03
N7 ADP C . 7.32 16.63 -13.61
C5 ADP C . 8.49 17.17 -13.28
C6 ADP C . 9.79 16.67 -12.78
N6 ADP C . 9.95 15.35 -12.52
N1 ADP C . 10.78 17.58 -12.60
C2 ADP C . 10.63 18.89 -12.84
N3 ADP C . 9.47 19.40 -13.31
C4 ADP C . 8.41 18.61 -13.55
MG MG D . -2.43 18.28 -14.57
PB ADP E . 1.62 -11.69 18.55
O1B ADP E . 1.74 -13.02 17.86
O2B ADP E . 1.66 -10.53 17.56
O3B ADP E . 2.47 -11.44 19.77
PA ADP E . -0.79 -12.94 19.44
O1A ADP E . 0.03 -13.90 20.28
O2A ADP E . -1.47 -13.43 18.20
O3A ADP E . 0.10 -11.64 19.10
O5' ADP E . -1.88 -12.27 20.40
C5' ADP E . -1.45 -11.54 21.54
C4' ADP E . -2.44 -11.75 22.67
O4' ADP E . -3.63 -11.01 22.34
C3' ADP E . -2.90 -13.19 22.85
O3' ADP E . -3.35 -13.36 24.19
C2' ADP E . -4.13 -13.29 21.96
O2' ADP E . -5.08 -14.25 22.41
C1' ADP E . -4.71 -11.89 22.08
N9 ADP E . -5.36 -11.46 20.82
C8 ADP E . -4.95 -11.77 19.58
N7 ADP E . -5.75 -11.21 18.65
C5 ADP E . -6.71 -10.53 19.31
C6 ADP E . -7.87 -9.72 18.92
N6 ADP E . -8.15 -9.55 17.60
N1 ADP E . -8.63 -9.20 19.91
C2 ADP E . -8.34 -9.38 21.21
N3 ADP E . -7.27 -10.12 21.64
C4 ADP E . -6.45 -10.70 20.75
MG MG F . 3.41 -14.45 18.23
#